data_8VTT
#
_entry.id   8VTT
#
_cell.length_a   77.757
_cell.length_b   77.757
_cell.length_c   213.298
_cell.angle_alpha   90.000
_cell.angle_beta   90.000
_cell.angle_gamma   120.000
#
_symmetry.space_group_name_H-M   'P 32 1 2'
#
loop_
_entity.id
_entity.type
_entity.pdbx_description
1 polymer 'Homeobox protein Meis1'
2 non-polymer RIBOSTAMYCIN
3 non-polymer 'SULFATE ION'
4 water water
#
_entity_poly.entity_id   1
_entity_poly.type   'polypeptide(L)'
_entity_poly.pdbx_seq_one_letter_code
;GSGIFPKVATNIMRAWLFQHLTHPYPSEEQKKQLAQDTGLTILQVNNWFINARRRIVQPMIDQSNRA
;
_entity_poly.pdbx_strand_id   A,B,C,D,E,F,G,H
#
loop_
_chem_comp.id
_chem_comp.type
_chem_comp.name
_chem_comp.formula
RIO non-polymer RIBOSTAMYCIN 'C17 H34 N4 O10'
SO4 non-polymer 'SULFATE ION' 'O4 S -2'
#
# COMPACT_ATOMS: atom_id res chain seq x y z
N PRO A 6 -18.98 27.34 0.01
CA PRO A 6 -18.30 26.24 0.73
C PRO A 6 -18.90 24.88 0.43
N LYS A 7 -20.22 24.76 0.54
CA LYS A 7 -20.89 23.49 0.26
C LYS A 7 -20.69 23.10 -1.20
N VAL A 8 -20.82 24.06 -2.12
CA VAL A 8 -20.66 23.75 -3.54
C VAL A 8 -19.26 23.24 -3.82
N ALA A 9 -18.25 23.94 -3.30
CA ALA A 9 -16.87 23.52 -3.50
C ALA A 9 -16.64 22.11 -2.96
N THR A 10 -17.13 21.84 -1.75
CA THR A 10 -16.95 20.52 -1.16
C THR A 10 -17.60 19.45 -2.02
N ASN A 11 -18.80 19.73 -2.52
CA ASN A 11 -19.50 18.75 -3.36
C ASN A 11 -18.78 18.53 -4.68
N ILE A 12 -18.18 19.58 -5.24
CA ILE A 12 -17.43 19.41 -6.48
C ILE A 12 -16.32 18.39 -6.27
N MET A 13 -15.55 18.52 -5.19
CA MET A 13 -14.42 17.62 -4.97
C MET A 13 -14.85 16.26 -4.47
N ARG A 14 -15.95 16.19 -3.71
CA ARG A 14 -16.46 14.89 -3.29
C ARG A 14 -16.97 14.09 -4.49
N ALA A 15 -17.64 14.74 -5.43
CA ALA A 15 -18.11 14.05 -6.63
C ALA A 15 -16.93 13.54 -7.45
N TRP A 16 -15.90 14.36 -7.64
CA TRP A 16 -14.73 13.91 -8.38
C TRP A 16 -14.07 12.73 -7.66
N LEU A 17 -13.95 12.81 -6.34
CA LEU A 17 -13.33 11.73 -5.57
C LEU A 17 -14.04 10.40 -5.82
N PHE A 18 -15.38 10.38 -5.66
CA PHE A 18 -16.12 9.14 -5.80
C PHE A 18 -16.13 8.64 -7.25
N GLN A 19 -15.95 9.53 -8.22
CA GLN A 19 -15.80 9.09 -9.60
C GLN A 19 -14.42 8.53 -9.91
N HIS A 20 -13.47 8.64 -8.97
CA HIS A 20 -12.10 8.21 -9.19
C HIS A 20 -11.57 7.47 -7.97
N LEU A 21 -12.38 6.57 -7.40
CA LEU A 21 -11.96 5.88 -6.18
C LEU A 21 -10.79 4.93 -6.42
N THR A 22 -10.69 4.35 -7.63
CA THR A 22 -9.58 3.45 -7.91
C THR A 22 -8.26 4.20 -8.06
N HIS A 23 -8.31 5.47 -8.46
CA HIS A 23 -7.12 6.30 -8.61
C HIS A 23 -7.48 7.72 -8.19
N PRO A 24 -7.63 7.95 -6.88
CA PRO A 24 -8.04 9.28 -6.36
C PRO A 24 -6.88 10.27 -6.27
N TYR A 25 -6.13 10.41 -7.36
CA TYR A 25 -4.98 11.31 -7.43
C TYR A 25 -5.17 12.20 -8.65
N PRO A 26 -5.79 13.37 -8.47
CA PRO A 26 -6.00 14.27 -9.62
C PRO A 26 -4.68 14.75 -10.19
N SER A 27 -4.59 14.71 -11.51
CA SER A 27 -3.42 15.24 -12.19
C SER A 27 -3.28 16.73 -11.98
N GLU A 28 -2.20 17.32 -12.46
CA GLU A 28 -2.00 18.75 -12.32
C GLU A 28 -3.07 19.52 -13.08
N GLU A 29 -3.47 19.03 -14.25
CA GLU A 29 -4.54 19.68 -15.00
C GLU A 29 -5.86 19.55 -14.28
N GLN A 30 -6.18 18.34 -13.79
CA GLN A 30 -7.41 18.15 -13.03
C GLN A 30 -7.47 19.05 -11.81
N LYS A 31 -6.33 19.21 -11.11
CA LYS A 31 -6.30 20.12 -9.97
C LYS A 31 -6.62 21.55 -10.40
N LYS A 32 -6.14 21.96 -11.57
CA LYS A 32 -6.43 23.30 -12.08
C LYS A 32 -7.91 23.44 -12.43
N GLN A 33 -8.51 22.39 -12.99
CA GLN A 33 -9.94 22.43 -13.28
C GLN A 33 -10.76 22.51 -12.01
N LEU A 34 -10.41 21.70 -11.00
CA LEU A 34 -11.15 21.71 -9.75
C LEU A 34 -10.98 23.03 -9.00
N ALA A 35 -9.78 23.61 -9.06
CA ALA A 35 -9.57 24.92 -8.43
C ALA A 35 -10.46 25.98 -9.07
N GLN A 36 -10.63 25.92 -10.39
CA GLN A 36 -11.48 26.88 -11.08
C GLN A 36 -12.95 26.66 -10.72
N ASP A 37 -13.38 25.40 -10.63
CA ASP A 37 -14.78 25.12 -10.31
C ASP A 37 -15.10 25.44 -8.85
N THR A 38 -14.14 25.21 -7.96
CA THR A 38 -14.37 25.41 -6.53
C THR A 38 -14.06 26.81 -6.06
N GLY A 39 -13.24 27.57 -6.78
CA GLY A 39 -12.75 28.83 -6.29
C GLY A 39 -11.60 28.73 -5.30
N LEU A 40 -11.04 27.54 -5.13
CA LEU A 40 -9.93 27.31 -4.23
C LEU A 40 -8.61 27.33 -5.00
N THR A 41 -7.52 27.51 -4.27
CA THR A 41 -6.21 27.47 -4.87
C THR A 41 -5.80 26.02 -5.14
N ILE A 42 -4.77 25.86 -5.97
CA ILE A 42 -4.25 24.53 -6.22
C ILE A 42 -3.78 23.90 -4.91
N LEU A 43 -3.15 24.70 -4.05
CA LEU A 43 -2.66 24.19 -2.77
C LEU A 43 -3.82 23.69 -1.92
N GLN A 44 -4.91 24.45 -1.85
CA GLN A 44 -6.06 24.03 -1.05
C GLN A 44 -6.69 22.78 -1.64
N VAL A 45 -6.81 22.69 -2.97
CA VAL A 45 -7.38 21.50 -3.58
C VAL A 45 -6.55 20.27 -3.24
N ASN A 46 -5.22 20.38 -3.37
CA ASN A 46 -4.36 19.24 -3.06
C ASN A 46 -4.48 18.84 -1.60
N ASN A 47 -4.57 19.83 -0.70
CA ASN A 47 -4.71 19.51 0.71
C ASN A 47 -6.01 18.77 0.98
N TRP A 48 -7.11 19.19 0.33
CA TRP A 48 -8.38 18.53 0.54
C TRP A 48 -8.31 17.05 0.18
N PHE A 49 -7.59 16.71 -0.90
CA PHE A 49 -7.50 15.33 -1.33
C PHE A 49 -6.56 14.52 -0.45
N ILE A 50 -5.46 15.13 0.00
CA ILE A 50 -4.58 14.46 0.95
C ILE A 50 -5.39 14.07 2.20
N ASN A 51 -6.18 15.02 2.72
CA ASN A 51 -7.01 14.73 3.88
C ASN A 51 -8.06 13.68 3.57
N ALA A 52 -8.68 13.77 2.39
CA ALA A 52 -9.70 12.80 2.01
C ALA A 52 -9.12 11.38 1.98
N ARG A 53 -7.97 11.22 1.33
CA ARG A 53 -7.36 9.89 1.27
C ARG A 53 -6.92 9.41 2.64
N ARG A 54 -6.46 10.32 3.51
CA ARG A 54 -6.04 9.92 4.86
C ARG A 54 -7.25 9.46 5.67
N ARG A 55 -8.39 10.13 5.52
CA ARG A 55 -9.57 9.79 6.31
C ARG A 55 -10.27 8.54 5.79
N ILE A 56 -10.13 8.23 4.49
CA ILE A 56 -10.75 7.03 3.96
C ILE A 56 -10.11 5.78 4.52
N VAL A 57 -8.77 5.77 4.67
CA VAL A 57 -8.08 4.59 5.15
C VAL A 57 -7.93 4.55 6.66
N GLN A 58 -8.33 5.61 7.37
CA GLN A 58 -8.17 5.63 8.81
C GLN A 58 -9.09 4.58 9.46
N PRO A 59 -8.71 4.05 10.60
CA PRO A 59 -9.55 3.05 11.28
C PRO A 59 -10.71 3.72 12.02
N MET A 60 -11.68 2.89 12.39
CA MET A 60 -12.84 3.35 13.14
C MET A 60 -12.62 3.13 14.64
N PHE B 5 -13.72 -5.98 17.46
CA PHE B 5 -13.30 -7.19 16.77
C PHE B 5 -11.79 -7.36 16.87
N PRO B 6 -11.30 -8.58 16.69
CA PRO B 6 -9.84 -8.80 16.66
C PRO B 6 -9.20 -8.08 15.49
N LYS B 7 -7.88 -7.88 15.61
CA LYS B 7 -7.15 -7.15 14.57
C LYS B 7 -7.19 -7.90 13.24
N VAL B 8 -6.97 -9.22 13.27
CA VAL B 8 -6.98 -9.98 12.03
C VAL B 8 -8.32 -9.85 11.32
N ALA B 9 -9.42 -9.91 12.08
CA ALA B 9 -10.73 -9.76 11.48
C ALA B 9 -10.87 -8.43 10.76
N THR B 10 -10.54 -7.33 11.45
CA THR B 10 -10.71 -6.01 10.83
C THR B 10 -9.68 -5.78 9.72
N ASN B 11 -8.51 -6.38 9.82
CA ASN B 11 -7.51 -6.23 8.76
C ASN B 11 -7.86 -7.04 7.53
N ILE B 12 -8.48 -8.22 7.71
CA ILE B 12 -8.95 -8.98 6.57
C ILE B 12 -10.01 -8.20 5.80
N MET B 13 -11.00 -7.66 6.52
CA MET B 13 -12.10 -6.97 5.88
C MET B 13 -11.66 -5.65 5.27
N ARG B 14 -10.77 -4.91 5.96
CA ARG B 14 -10.24 -3.68 5.40
C ARG B 14 -9.47 -3.95 4.12
N ALA B 15 -8.64 -4.98 4.10
CA ALA B 15 -7.92 -5.33 2.88
C ALA B 15 -8.88 -5.62 1.74
N TRP B 16 -9.94 -6.38 2.02
CA TRP B 16 -10.95 -6.65 1.00
C TRP B 16 -11.62 -5.37 0.54
N LEU B 17 -12.03 -4.52 1.48
CA LEU B 17 -12.76 -3.31 1.13
C LEU B 17 -11.94 -2.41 0.22
N PHE B 18 -10.67 -2.19 0.55
CA PHE B 18 -9.81 -1.35 -0.26
C PHE B 18 -9.46 -1.98 -1.60
N GLN B 19 -9.69 -3.28 -1.77
CA GLN B 19 -9.54 -3.93 -3.06
C GLN B 19 -10.85 -3.99 -3.86
N HIS B 20 -11.96 -3.52 -3.27
CA HIS B 20 -13.25 -3.55 -3.93
C HIS B 20 -14.00 -2.24 -3.68
N LEU B 21 -13.29 -1.12 -3.71
CA LEU B 21 -13.92 0.16 -3.42
C LEU B 21 -14.96 0.53 -4.47
N THR B 22 -14.79 0.08 -5.71
CA THR B 22 -15.78 0.36 -6.75
C THR B 22 -17.10 -0.31 -6.43
N HIS B 23 -17.07 -1.58 -6.02
CA HIS B 23 -18.25 -2.33 -5.61
C HIS B 23 -17.98 -2.85 -4.19
N PRO B 24 -18.23 -2.02 -3.17
CA PRO B 24 -17.89 -2.41 -1.79
C PRO B 24 -18.93 -3.28 -1.13
N TYR B 25 -19.75 -3.97 -1.93
CA TYR B 25 -20.85 -4.77 -1.41
C TYR B 25 -20.57 -6.25 -1.63
N PRO B 26 -20.03 -6.96 -0.64
CA PRO B 26 -19.67 -8.37 -0.87
C PRO B 26 -20.91 -9.21 -1.18
N SER B 27 -20.71 -10.19 -2.07
CA SER B 27 -21.76 -11.15 -2.36
C SER B 27 -21.91 -12.13 -1.18
N GLU B 28 -22.95 -12.97 -1.25
CA GLU B 28 -23.17 -13.95 -0.20
C GLU B 28 -21.99 -14.93 -0.13
N GLU B 29 -21.48 -15.38 -1.27
CA GLU B 29 -20.30 -16.23 -1.26
C GLU B 29 -19.08 -15.47 -0.73
N GLN B 30 -18.94 -14.20 -1.10
CA GLN B 30 -17.83 -13.42 -0.60
C GLN B 30 -17.94 -13.17 0.90
N LYS B 31 -19.16 -13.01 1.41
CA LYS B 31 -19.34 -12.88 2.85
C LYS B 31 -19.07 -14.20 3.57
N LYS B 32 -19.28 -15.33 2.89
CA LYS B 32 -18.92 -16.62 3.47
C LYS B 32 -17.39 -16.74 3.60
N GLN B 33 -16.66 -16.35 2.55
CA GLN B 33 -15.20 -16.42 2.61
C GLN B 33 -14.63 -15.43 3.61
N LEU B 34 -15.26 -14.27 3.76
CA LEU B 34 -14.76 -13.27 4.69
C LEU B 34 -15.02 -13.68 6.14
N ALA B 35 -16.17 -14.29 6.40
CA ALA B 35 -16.44 -14.79 7.74
C ALA B 35 -15.42 -15.85 8.16
N GLN B 36 -15.12 -16.77 7.25
CA GLN B 36 -14.14 -17.80 7.57
C GLN B 36 -12.75 -17.21 7.77
N ASP B 37 -12.38 -16.21 6.97
CA ASP B 37 -11.07 -15.60 7.09
C ASP B 37 -10.93 -14.77 8.36
N THR B 38 -12.02 -14.15 8.81
CA THR B 38 -11.97 -13.27 9.97
C THR B 38 -12.21 -13.98 11.29
N GLY B 39 -12.87 -15.14 11.26
CA GLY B 39 -13.32 -15.76 12.49
C GLY B 39 -14.64 -15.24 13.01
N LEU B 40 -15.34 -14.42 12.22
CA LEU B 40 -16.62 -13.86 12.60
C LEU B 40 -17.76 -14.59 11.89
N THR B 41 -18.99 -14.27 12.28
CA THR B 41 -20.15 -14.81 11.59
C THR B 41 -20.46 -13.96 10.35
N ILE B 42 -21.36 -14.48 9.51
CA ILE B 42 -21.81 -13.72 8.35
C ILE B 42 -22.47 -12.41 8.81
N LEU B 43 -23.27 -12.48 9.87
CA LEU B 43 -23.96 -11.28 10.35
C LEU B 43 -22.98 -10.23 10.85
N GLN B 44 -21.95 -10.67 11.58
CA GLN B 44 -20.95 -9.72 12.05
C GLN B 44 -20.21 -9.08 10.89
N VAL B 45 -19.95 -9.86 9.84
CA VAL B 45 -19.25 -9.32 8.67
C VAL B 45 -20.12 -8.29 7.97
N ASN B 46 -21.38 -8.63 7.72
CA ASN B 46 -22.28 -7.69 7.07
C ASN B 46 -22.43 -6.41 7.88
N ASN B 47 -22.50 -6.52 9.21
CA ASN B 47 -22.62 -5.34 10.05
C ASN B 47 -21.37 -4.47 9.96
N TRP B 48 -20.19 -5.09 9.92
CA TRP B 48 -18.96 -4.32 9.84
C TRP B 48 -18.89 -3.53 8.55
N PHE B 49 -19.34 -4.14 7.44
CA PHE B 49 -19.30 -3.45 6.15
C PHE B 49 -20.33 -2.34 6.07
N ILE B 50 -21.51 -2.55 6.66
CA ILE B 50 -22.50 -1.48 6.72
C ILE B 50 -21.90 -0.25 7.40
N ASN B 51 -21.34 -0.44 8.59
CA ASN B 51 -20.75 0.69 9.31
C ASN B 51 -19.50 1.21 8.61
N ALA B 52 -18.76 0.33 7.93
CA ALA B 52 -17.57 0.78 7.22
C ALA B 52 -17.94 1.68 6.06
N ARG B 53 -18.96 1.30 5.29
CA ARG B 53 -19.39 2.14 4.18
C ARG B 53 -20.02 3.44 4.67
N ARG B 54 -20.79 3.38 5.75
CA ARG B 54 -21.43 4.59 6.28
C ARG B 54 -20.40 5.67 6.62
N ARG B 55 -19.23 5.27 7.13
CA ARG B 55 -18.26 6.23 7.62
C ARG B 55 -17.25 6.65 6.56
N ILE B 56 -17.03 5.83 5.53
CA ILE B 56 -16.16 6.24 4.44
C ILE B 56 -16.76 7.40 3.67
N VAL B 57 -18.08 7.51 3.64
CA VAL B 57 -18.76 8.54 2.87
C VAL B 57 -19.20 9.70 3.76
N GLN B 58 -18.80 9.70 5.01
CA GLN B 58 -19.15 10.80 5.90
C GLN B 58 -18.25 12.00 5.66
N PRO B 59 -18.72 13.20 6.03
CA PRO B 59 -17.89 14.39 5.85
C PRO B 59 -16.45 14.19 6.32
N MET B 60 -15.51 14.61 5.48
CA MET B 60 -14.10 14.44 5.76
C MET B 60 -13.47 15.75 6.24
N PHE C 5 22.75 23.13 5.95
CA PHE C 5 23.32 23.31 7.28
C PHE C 5 23.28 22.00 8.07
N PRO C 6 24.14 21.88 9.08
CA PRO C 6 24.10 20.68 9.93
C PRO C 6 22.79 20.56 10.69
N LYS C 7 22.37 19.32 10.95
CA LYS C 7 21.22 19.09 11.80
C LYS C 7 21.33 19.85 13.10
N VAL C 8 22.55 19.97 13.64
CA VAL C 8 22.74 20.62 14.92
C VAL C 8 22.39 22.10 14.82
N ALA C 9 22.99 22.81 13.86
CA ALA C 9 22.75 24.24 13.73
C ALA C 9 21.27 24.53 13.50
N THR C 10 20.67 23.86 12.51
CA THR C 10 19.26 24.09 12.21
C THR C 10 18.39 23.87 13.44
N ASN C 11 18.69 22.84 14.23
CA ASN C 11 17.86 22.54 15.40
C ASN C 11 18.07 23.56 16.52
N ILE C 12 19.31 24.05 16.67
CA ILE C 12 19.56 25.12 17.63
C ILE C 12 18.65 26.32 17.33
N MET C 13 18.57 26.70 16.05
CA MET C 13 17.80 27.89 15.68
C MET C 13 16.31 27.61 15.70
N ARG C 14 15.90 26.39 15.41
CA ARG C 14 14.48 26.05 15.49
C ARG C 14 14.00 26.04 16.93
N ALA C 15 14.81 25.52 17.85
CA ALA C 15 14.42 25.53 19.26
C ALA C 15 14.25 26.96 19.76
N TRP C 16 15.16 27.86 19.38
CA TRP C 16 15.03 29.25 19.78
C TRP C 16 13.79 29.88 19.16
N LEU C 17 13.55 29.61 17.87
CA LEU C 17 12.40 30.18 17.18
C LEU C 17 11.11 29.82 17.90
N PHE C 18 10.89 28.53 18.16
CA PHE C 18 9.65 28.09 18.78
C PHE C 18 9.52 28.57 20.22
N GLN C 19 10.62 28.92 20.87
CA GLN C 19 10.55 29.50 22.21
C GLN C 19 10.28 31.00 22.19
N HIS C 20 10.34 31.63 21.02
CA HIS C 20 10.12 33.07 20.87
C HIS C 20 9.19 33.34 19.70
N LEU C 21 8.06 32.65 19.67
CA LEU C 21 7.14 32.79 18.54
C LEU C 21 6.42 34.13 18.56
N THR C 22 6.20 34.72 19.73
CA THR C 22 5.52 36.01 19.79
C THR C 22 6.42 37.14 19.34
N HIS C 23 7.74 36.97 19.44
CA HIS C 23 8.72 37.96 18.97
C HIS C 23 9.91 37.20 18.41
N PRO C 24 9.75 36.56 17.25
CA PRO C 24 10.81 35.76 16.63
C PRO C 24 11.90 36.61 15.97
N TYR C 25 12.43 37.57 16.71
CA TYR C 25 13.44 38.50 16.20
C TYR C 25 14.57 38.54 17.22
N PRO C 26 15.62 37.74 17.00
CA PRO C 26 16.72 37.71 17.99
C PRO C 26 17.47 39.03 18.02
N SER C 27 17.73 39.52 19.24
CA SER C 27 18.55 40.70 19.40
C SER C 27 19.98 40.40 18.95
N GLU C 28 20.73 41.46 18.63
CA GLU C 28 22.09 41.29 18.14
C GLU C 28 22.92 40.44 19.09
N GLU C 29 22.65 40.53 20.40
CA GLU C 29 23.33 39.65 21.34
C GLU C 29 22.86 38.21 21.19
N GLN C 30 21.55 38.01 21.08
CA GLN C 30 21.03 36.65 20.88
C GLN C 30 21.55 36.04 19.59
N LYS C 31 21.79 36.86 18.56
CA LYS C 31 22.36 36.33 17.32
C LYS C 31 23.81 35.91 17.52
N LYS C 32 24.59 36.70 18.26
CA LYS C 32 25.96 36.31 18.57
C LYS C 32 26.00 34.94 19.22
N GLN C 33 25.12 34.72 20.20
CA GLN C 33 25.09 33.43 20.89
C GLN C 33 24.66 32.31 19.97
N LEU C 34 23.61 32.54 19.16
CA LEU C 34 23.18 31.53 18.21
C LEU C 34 24.29 31.21 17.20
N ALA C 35 25.05 32.23 16.79
CA ALA C 35 26.18 32.00 15.91
C ALA C 35 27.23 31.11 16.57
N GLN C 36 27.54 31.39 17.84
CA GLN C 36 28.52 30.58 18.56
C GLN C 36 28.05 29.14 18.71
N ASP C 37 26.77 28.94 19.06
CA ASP C 37 26.27 27.60 19.29
C ASP C 37 26.14 26.81 17.99
N THR C 38 25.88 27.51 16.88
CA THR C 38 25.67 26.84 15.61
C THR C 38 26.94 26.73 14.76
N GLY C 39 27.93 27.58 15.02
CA GLY C 39 29.08 27.69 14.16
C GLY C 39 28.88 28.59 12.95
N LEU C 40 27.68 29.09 12.74
CA LEU C 40 27.38 29.92 11.60
C LEU C 40 27.78 31.37 11.87
N THR C 41 27.81 32.17 10.80
CA THR C 41 28.09 33.59 10.93
C THR C 41 26.83 34.36 11.33
N ILE C 42 27.01 35.61 11.74
CA ILE C 42 25.87 36.45 12.09
C ILE C 42 24.98 36.65 10.87
N LEU C 43 25.58 36.71 9.67
CA LEU C 43 24.78 36.86 8.46
C LEU C 43 24.00 35.60 8.15
N GLN C 44 24.62 34.44 8.32
CA GLN C 44 23.90 33.18 8.10
C GLN C 44 22.74 33.02 9.06
N VAL C 45 22.95 33.33 10.34
CA VAL C 45 21.88 33.24 11.32
C VAL C 45 20.73 34.17 10.95
N ASN C 46 21.07 35.41 10.60
CA ASN C 46 20.03 36.38 10.25
C ASN C 46 19.26 35.94 9.01
N ASN C 47 19.96 35.37 8.04
CA ASN C 47 19.28 34.92 6.83
C ASN C 47 18.37 33.73 7.11
N TRP C 48 18.78 32.84 8.02
CA TRP C 48 17.94 31.69 8.33
C TRP C 48 16.61 32.13 8.94
N PHE C 49 16.66 33.13 9.83
CA PHE C 49 15.44 33.59 10.48
C PHE C 49 14.56 34.38 9.51
N ILE C 50 15.15 35.12 8.59
CA ILE C 50 14.36 35.81 7.57
C ILE C 50 13.55 34.80 6.77
N ASN C 51 14.21 33.77 6.25
CA ASN C 51 13.50 32.74 5.50
C ASN C 51 12.53 31.98 6.38
N ALA C 52 12.90 31.74 7.64
CA ALA C 52 11.99 31.05 8.55
C ALA C 52 10.70 31.84 8.76
N ARG C 53 10.84 33.15 9.01
CA ARG C 53 9.66 33.98 9.18
C ARG C 53 8.86 34.10 7.88
N ARG C 54 9.53 34.00 6.73
CA ARG C 54 8.83 33.98 5.46
C ARG C 54 8.05 32.68 5.25
N ARG C 55 8.59 31.57 5.74
CA ARG C 55 7.91 30.28 5.58
C ARG C 55 6.72 30.16 6.53
N ILE C 56 6.82 30.72 7.73
CA ILE C 56 5.73 30.61 8.70
C ILE C 56 4.48 31.30 8.17
N VAL C 57 4.64 32.44 7.50
CA VAL C 57 3.49 33.23 7.07
C VAL C 57 3.00 32.86 5.68
N GLN C 58 3.65 31.92 5.00
CA GLN C 58 3.25 31.58 3.65
C GLN C 58 1.95 30.77 3.66
N PRO C 59 1.23 30.76 2.55
CA PRO C 59 0.01 29.95 2.47
C PRO C 59 0.26 28.51 2.87
N MET C 60 -0.60 27.98 3.72
CA MET C 60 -0.48 26.62 4.23
C MET C 60 -1.40 25.67 3.47
N PHE D 5 -15.12 34.88 -0.90
CA PHE D 5 -15.38 34.41 0.45
C PHE D 5 -14.40 33.32 0.91
N PRO D 6 -13.98 32.41 0.02
CA PRO D 6 -12.91 31.49 0.40
C PRO D 6 -11.66 32.21 0.91
N LYS D 7 -11.32 33.36 0.32
CA LYS D 7 -10.22 34.15 0.85
C LYS D 7 -10.59 34.83 2.17
N VAL D 8 -11.87 35.19 2.33
CA VAL D 8 -12.32 35.76 3.60
C VAL D 8 -12.21 34.72 4.72
N ALA D 9 -12.72 33.52 4.47
CA ALA D 9 -12.63 32.45 5.45
C ALA D 9 -11.17 32.19 5.83
N THR D 10 -10.31 32.09 4.82
CA THR D 10 -8.88 31.88 5.09
C THR D 10 -8.32 33.01 5.95
N ASN D 11 -8.62 34.26 5.59
CA ASN D 11 -8.09 35.39 6.35
C ASN D 11 -8.63 35.42 7.78
N ILE D 12 -9.89 35.02 7.97
CA ILE D 12 -10.44 34.97 9.32
C ILE D 12 -9.62 34.04 10.20
N MET D 13 -9.27 32.86 9.67
CA MET D 13 -8.54 31.87 10.47
C MET D 13 -7.06 32.18 10.57
N ARG D 14 -6.46 32.76 9.52
CA ARG D 14 -5.09 33.22 9.63
C ARG D 14 -4.97 34.33 10.67
N ALA D 15 -5.95 35.23 10.71
CA ALA D 15 -5.94 36.29 11.71
C ALA D 15 -5.95 35.72 13.12
N TRP D 16 -6.86 34.78 13.39
CA TRP D 16 -6.91 34.15 14.70
C TRP D 16 -5.61 33.42 15.01
N LEU D 17 -5.07 32.68 14.04
CA LEU D 17 -3.86 31.89 14.27
C LEU D 17 -2.69 32.79 14.68
N PHE D 18 -2.51 33.91 13.98
CA PHE D 18 -1.36 34.76 14.29
C PHE D 18 -1.55 35.54 15.59
N GLN D 19 -2.79 35.84 15.95
CA GLN D 19 -3.07 36.40 17.27
C GLN D 19 -2.97 35.38 18.39
N HIS D 20 -2.68 34.10 18.06
CA HIS D 20 -2.68 33.04 19.05
C HIS D 20 -1.52 32.07 18.88
N LEU D 21 -0.41 32.54 18.31
CA LEU D 21 0.68 31.62 18.01
C LEU D 21 1.24 30.95 19.27
N THR D 22 1.07 31.57 20.45
CA THR D 22 1.55 30.94 21.67
C THR D 22 0.73 29.71 22.02
N HIS D 23 -0.59 29.77 21.82
CA HIS D 23 -1.50 28.65 22.07
C HIS D 23 -2.47 28.54 20.90
N PRO D 24 -1.99 28.04 19.75
CA PRO D 24 -2.82 27.99 18.53
C PRO D 24 -3.81 26.84 18.51
N TYR D 25 -4.52 26.66 19.62
CA TYR D 25 -5.53 25.60 19.75
C TYR D 25 -6.86 26.24 20.13
N PRO D 26 -7.74 26.52 19.17
CA PRO D 26 -9.03 27.15 19.52
C PRO D 26 -9.90 26.22 20.34
N SER D 27 -10.60 26.80 21.31
CA SER D 27 -11.53 26.04 22.13
C SER D 27 -12.76 25.64 21.31
N GLU D 28 -13.60 24.79 21.90
CA GLU D 28 -14.80 24.37 21.21
C GLU D 28 -15.70 25.57 20.90
N GLU D 29 -15.77 26.54 21.82
CA GLU D 29 -16.58 27.73 21.57
C GLU D 29 -15.94 28.61 20.51
N GLN D 30 -14.62 28.79 20.57
CA GLN D 30 -13.92 29.56 19.55
C GLN D 30 -14.06 28.91 18.18
N LYS D 31 -14.15 27.59 18.12
CA LYS D 31 -14.31 26.91 16.84
C LYS D 31 -15.72 27.09 16.30
N LYS D 32 -16.71 27.26 17.18
CA LYS D 32 -18.06 27.60 16.72
C LYS D 32 -18.10 29.03 16.20
N GLN D 33 -17.42 29.96 16.87
CA GLN D 33 -17.36 31.34 16.40
C GLN D 33 -16.70 31.41 15.02
N LEU D 34 -15.54 30.77 14.87
CA LEU D 34 -14.84 30.79 13.60
C LEU D 34 -15.64 30.08 12.51
N ALA D 35 -16.35 29.01 12.88
CA ALA D 35 -17.20 28.33 11.91
C ALA D 35 -18.30 29.27 11.40
N GLN D 36 -18.83 30.10 12.28
CA GLN D 36 -19.89 31.03 11.89
C GLN D 36 -19.34 32.18 11.05
N ASP D 37 -18.11 32.62 11.36
CA ASP D 37 -17.52 33.72 10.59
C ASP D 37 -17.09 33.25 9.21
N THR D 38 -16.52 32.04 9.12
CA THR D 38 -15.98 31.54 7.87
C THR D 38 -17.01 30.85 7.00
N GLY D 39 -18.13 30.41 7.57
CA GLY D 39 -19.09 29.61 6.84
C GLY D 39 -18.76 28.14 6.74
N LEU D 40 -17.68 27.70 7.40
CA LEU D 40 -17.28 26.31 7.37
C LEU D 40 -17.88 25.57 8.56
N THR D 41 -17.78 24.24 8.52
CA THR D 41 -18.22 23.42 9.63
C THR D 41 -17.16 23.40 10.73
N ILE D 42 -17.52 22.83 11.88
CA ILE D 42 -16.58 22.71 12.99
C ILE D 42 -15.41 21.81 12.58
N LEU D 43 -15.71 20.71 11.86
CA LEU D 43 -14.66 19.81 11.42
C LEU D 43 -13.69 20.50 10.46
N GLN D 44 -14.23 21.29 9.53
CA GLN D 44 -13.38 21.97 8.57
C GLN D 44 -12.49 23.00 9.25
N VAL D 45 -13.00 23.67 10.28
CA VAL D 45 -12.17 24.61 11.03
C VAL D 45 -11.06 23.86 11.76
N ASN D 46 -11.40 22.74 12.41
CA ASN D 46 -10.39 21.99 13.14
C ASN D 46 -9.34 21.42 12.20
N ASN D 47 -9.77 20.94 11.03
CA ASN D 47 -8.81 20.43 10.06
C ASN D 47 -7.87 21.53 9.57
N TRP D 48 -8.40 22.74 9.37
CA TRP D 48 -7.55 23.84 8.93
C TRP D 48 -6.46 24.15 9.94
N PHE D 49 -6.81 24.14 11.23
CA PHE D 49 -5.82 24.43 12.26
C PHE D 49 -4.87 23.27 12.51
N ILE D 50 -5.30 22.04 12.23
CA ILE D 50 -4.39 20.91 12.31
C ILE D 50 -3.32 21.03 11.24
N ASN D 51 -3.74 21.29 9.99
CA ASN D 51 -2.79 21.48 8.91
C ASN D 51 -1.92 22.70 9.16
N ALA D 52 -2.49 23.76 9.74
CA ALA D 52 -1.72 24.98 9.98
C ALA D 52 -0.57 24.73 10.95
N ARG D 53 -0.85 24.03 12.06
CA ARG D 53 0.18 23.77 13.04
C ARG D 53 1.22 22.79 12.53
N ARG D 54 0.83 21.86 11.66
CA ARG D 54 1.80 20.94 11.06
C ARG D 54 2.74 21.67 10.12
N ARG D 55 2.24 22.68 9.39
CA ARG D 55 3.08 23.39 8.43
C ARG D 55 4.05 24.34 9.14
N ILE D 56 3.60 25.01 10.20
CA ILE D 56 4.45 25.96 10.89
C ILE D 56 5.73 25.29 11.39
N VAL D 57 5.62 24.04 11.85
CA VAL D 57 6.76 23.32 12.40
C VAL D 57 7.44 22.43 11.36
N GLN D 58 6.95 22.40 10.14
CA GLN D 58 7.52 21.52 9.12
C GLN D 58 8.97 21.91 8.84
N PRO D 59 9.80 20.96 8.43
CA PRO D 59 11.17 21.31 8.04
C PRO D 59 11.19 22.29 6.88
N MET D 60 12.28 23.03 6.79
CA MET D 60 12.46 24.01 5.73
C MET D 60 13.58 23.59 4.79
N PHE E 5 3.23 -28.89 7.55
CA PHE E 5 3.03 -29.76 6.40
C PHE E 5 4.34 -29.99 5.65
N PRO E 6 4.45 -31.12 4.95
CA PRO E 6 5.67 -31.39 4.18
C PRO E 6 5.97 -30.28 3.19
N LYS E 7 7.26 -30.13 2.86
CA LYS E 7 7.70 -29.02 2.03
C LYS E 7 7.05 -29.08 0.65
N VAL E 8 6.96 -30.27 0.06
CA VAL E 8 6.36 -30.40 -1.27
C VAL E 8 4.96 -29.80 -1.28
N ALA E 9 4.14 -30.17 -0.30
CA ALA E 9 2.78 -29.64 -0.24
C ALA E 9 2.78 -28.13 -0.08
N THR E 10 3.53 -27.62 0.91
CA THR E 10 3.58 -26.18 1.14
C THR E 10 4.00 -25.42 -0.12
N ASN E 11 5.04 -25.91 -0.80
CA ASN E 11 5.53 -25.19 -1.98
C ASN E 11 4.55 -25.26 -3.14
N ILE E 12 3.76 -26.34 -3.23
CA ILE E 12 2.72 -26.40 -4.26
C ILE E 12 1.68 -25.31 -4.03
N MET E 13 1.24 -25.15 -2.77
CA MET E 13 0.20 -24.16 -2.48
C MET E 13 0.76 -22.73 -2.52
N ARG E 14 1.99 -22.54 -2.05
CA ARG E 14 2.61 -21.21 -2.14
C ARG E 14 2.82 -20.80 -3.59
N ALA E 15 3.11 -21.75 -4.47
CA ALA E 15 3.26 -21.42 -5.88
C ALA E 15 1.94 -20.96 -6.47
N TRP E 16 0.85 -21.66 -6.15
CA TRP E 16 -0.46 -21.23 -6.64
C TRP E 16 -0.84 -19.88 -6.06
N LEU E 17 -0.57 -19.68 -4.77
CA LEU E 17 -0.95 -18.43 -4.12
C LEU E 17 -0.30 -17.22 -4.80
N PHE E 18 0.98 -17.33 -5.14
CA PHE E 18 1.66 -16.18 -5.74
C PHE E 18 1.24 -15.97 -7.19
N GLN E 19 0.84 -17.03 -7.89
CA GLN E 19 0.32 -16.89 -9.24
C GLN E 19 -1.11 -16.37 -9.26
N HIS E 20 -1.74 -16.15 -8.11
CA HIS E 20 -3.12 -15.71 -8.04
C HIS E 20 -3.31 -14.67 -6.94
N LEU E 21 -2.34 -13.76 -6.79
CA LEU E 21 -2.42 -12.79 -5.70
C LEU E 21 -3.59 -11.83 -5.86
N THR E 22 -4.05 -11.59 -7.08
CA THR E 22 -5.19 -10.71 -7.27
C THR E 22 -6.48 -11.34 -6.76
N HIS E 23 -6.59 -12.67 -6.84
CA HIS E 23 -7.75 -13.41 -6.35
C HIS E 23 -7.23 -14.68 -5.69
N PRO E 24 -6.66 -14.57 -4.49
CA PRO E 24 -6.09 -15.75 -3.83
C PRO E 24 -7.15 -16.63 -3.16
N TYR E 25 -8.25 -16.87 -3.87
CA TYR E 25 -9.33 -17.74 -3.41
C TYR E 25 -9.53 -18.83 -4.44
N PRO E 26 -8.90 -19.99 -4.26
CA PRO E 26 -9.09 -21.08 -5.24
C PRO E 26 -10.54 -21.54 -5.28
N SER E 27 -11.00 -21.88 -6.48
CA SER E 27 -12.33 -22.42 -6.64
C SER E 27 -12.41 -23.82 -6.03
N GLU E 28 -13.63 -24.37 -6.01
CA GLU E 28 -13.81 -25.72 -5.49
C GLU E 28 -13.06 -26.74 -6.33
N GLU E 29 -13.10 -26.58 -7.66
CA GLU E 29 -12.36 -27.48 -8.53
C GLU E 29 -10.86 -27.33 -8.31
N GLN E 30 -10.39 -26.10 -8.10
CA GLN E 30 -8.97 -25.88 -7.88
C GLN E 30 -8.52 -26.44 -6.54
N LYS E 31 -9.36 -26.36 -5.51
CA LYS E 31 -9.01 -26.93 -4.22
C LYS E 31 -8.98 -28.47 -4.29
N LYS E 32 -9.88 -29.06 -5.08
CA LYS E 32 -9.85 -30.51 -5.26
C LYS E 32 -8.56 -30.95 -5.93
N GLN E 33 -8.08 -30.18 -6.90
CA GLN E 33 -6.84 -30.54 -7.59
C GLN E 33 -5.61 -30.23 -6.77
N LEU E 34 -5.64 -29.16 -5.96
CA LEU E 34 -4.56 -28.90 -5.03
C LEU E 34 -4.49 -29.97 -3.94
N ALA E 35 -5.64 -30.42 -3.46
CA ALA E 35 -5.66 -31.51 -2.49
C ALA E 35 -5.06 -32.79 -3.09
N GLN E 36 -5.25 -33.02 -4.38
CA GLN E 36 -4.69 -34.20 -5.02
C GLN E 36 -3.17 -34.09 -5.13
N ASP E 37 -2.67 -32.91 -5.49
CA ASP E 37 -1.23 -32.77 -5.70
C ASP E 37 -0.47 -32.79 -4.39
N THR E 38 -1.04 -32.24 -3.33
CA THR E 38 -0.35 -32.11 -2.06
C THR E 38 -0.52 -33.31 -1.14
N GLY E 39 -1.54 -34.13 -1.35
CA GLY E 39 -1.86 -35.19 -0.44
C GLY E 39 -2.70 -34.76 0.75
N LEU E 40 -3.09 -33.49 0.83
CA LEU E 40 -3.91 -32.99 1.91
C LEU E 40 -5.39 -33.16 1.58
N THR E 41 -6.23 -32.92 2.58
CA THR E 41 -7.67 -32.94 2.39
C THR E 41 -8.17 -31.57 1.95
N ILE E 42 -9.42 -31.54 1.46
CA ILE E 42 -10.02 -30.29 1.04
C ILE E 42 -10.03 -29.29 2.20
N LEU E 43 -10.38 -29.75 3.40
CA LEU E 43 -10.39 -28.86 4.55
C LEU E 43 -9.00 -28.32 4.84
N GLN E 44 -7.99 -29.18 4.81
CA GLN E 44 -6.62 -28.74 5.08
C GLN E 44 -6.17 -27.71 4.06
N VAL E 45 -6.59 -27.87 2.80
CA VAL E 45 -6.27 -26.89 1.77
C VAL E 45 -6.99 -25.58 2.06
N ASN E 46 -8.28 -25.66 2.39
CA ASN E 46 -9.05 -24.47 2.73
C ASN E 46 -8.41 -23.72 3.89
N ASN E 47 -8.04 -24.45 4.95
CA ASN E 47 -7.50 -23.79 6.13
C ASN E 47 -6.10 -23.24 5.89
N TRP E 48 -5.34 -23.83 4.96
CA TRP E 48 -4.01 -23.31 4.67
C TRP E 48 -4.12 -21.95 3.99
N PHE E 49 -5.04 -21.82 3.02
CA PHE E 49 -5.21 -20.53 2.34
C PHE E 49 -5.79 -19.48 3.28
N ILE E 50 -6.70 -19.89 4.16
CA ILE E 50 -7.22 -18.97 5.17
C ILE E 50 -6.06 -18.38 5.98
N ASN E 51 -5.19 -19.26 6.49
CA ASN E 51 -4.06 -18.78 7.28
C ASN E 51 -3.09 -17.98 6.42
N ALA E 52 -2.90 -18.39 5.16
CA ALA E 52 -1.99 -17.67 4.29
C ALA E 52 -2.47 -16.25 4.04
N ARG E 53 -3.79 -16.07 3.89
CA ARG E 53 -4.32 -14.73 3.68
C ARG E 53 -4.28 -13.90 4.97
N ARG E 54 -4.48 -14.55 6.12
CA ARG E 54 -4.40 -13.82 7.38
C ARG E 54 -3.00 -13.26 7.61
N ARG E 55 -1.96 -14.02 7.25
CA ARG E 55 -0.60 -13.56 7.46
C ARG E 55 -0.16 -12.51 6.45
N ILE E 56 -0.79 -12.46 5.28
CA ILE E 56 -0.48 -11.42 4.31
C ILE E 56 -0.98 -10.07 4.82
N VAL E 57 -2.17 -10.04 5.42
CA VAL E 57 -2.71 -8.81 5.98
C VAL E 57 -2.25 -8.57 7.42
N GLN E 58 -1.46 -9.48 7.99
CA GLN E 58 -1.02 -9.32 9.36
C GLN E 58 -0.18 -8.06 9.50
N PRO E 59 -0.44 -7.21 10.49
CA PRO E 59 0.38 -6.01 10.66
C PRO E 59 1.80 -6.36 11.10
N MET E 60 2.75 -5.56 10.62
CA MET E 60 4.15 -5.77 10.93
C MET E 60 4.45 -5.33 12.37
N PHE F 5 5.18 4.00 13.35
CA PHE F 5 4.59 5.09 12.58
C PHE F 5 3.14 5.35 13.01
N PRO F 6 2.63 6.54 12.68
CA PRO F 6 1.19 6.80 12.89
C PRO F 6 0.34 5.80 12.13
N LYS F 7 -0.75 5.37 12.76
CA LYS F 7 -1.66 4.45 12.11
C LYS F 7 -2.10 4.97 10.75
N VAL F 8 -2.22 6.30 10.60
CA VAL F 8 -2.65 6.87 9.33
C VAL F 8 -1.61 6.58 8.24
N ALA F 9 -0.33 6.85 8.54
CA ALA F 9 0.73 6.59 7.57
C ALA F 9 0.79 5.11 7.20
N THR F 10 0.75 4.23 8.21
CA THR F 10 0.79 2.80 7.95
C THR F 10 -0.40 2.37 7.11
N ASN F 11 -1.60 2.84 7.45
CA ASN F 11 -2.78 2.45 6.70
C ASN F 11 -2.76 2.98 5.27
N ILE F 12 -2.17 4.16 5.05
CA ILE F 12 -2.05 4.68 3.69
C ILE F 12 -1.23 3.71 2.84
N MET F 13 -0.05 3.33 3.34
CA MET F 13 0.82 2.44 2.56
C MET F 13 0.22 1.05 2.44
N ARG F 14 -0.45 0.56 3.49
CA ARG F 14 -1.08 -0.75 3.42
C ARG F 14 -2.19 -0.76 2.37
N ALA F 15 -3.04 0.28 2.36
CA ALA F 15 -4.08 0.37 1.34
C ALA F 15 -3.47 0.37 -0.05
N TRP F 16 -2.37 1.09 -0.25
CA TRP F 16 -1.69 1.06 -1.54
C TRP F 16 -1.14 -0.33 -1.84
N LEU F 17 -0.54 -0.97 -0.84
CA LEU F 17 0.06 -2.29 -1.05
C LEU F 17 -0.99 -3.30 -1.50
N PHE F 18 -2.12 -3.36 -0.79
CA PHE F 18 -3.15 -4.34 -1.14
C PHE F 18 -3.83 -4.03 -2.47
N GLN F 19 -3.70 -2.79 -2.97
CA GLN F 19 -4.25 -2.44 -4.27
C GLN F 19 -3.25 -2.61 -5.40
N HIS F 20 -2.03 -3.06 -5.10
CA HIS F 20 -1.00 -3.25 -6.10
C HIS F 20 -0.20 -4.51 -5.82
N LEU F 21 -0.87 -5.57 -5.36
CA LEU F 21 -0.16 -6.78 -4.98
C LEU F 21 0.51 -7.46 -6.17
N THR F 22 0.04 -7.20 -7.39
CA THR F 22 0.70 -7.77 -8.56
C THR F 22 2.09 -7.16 -8.76
N HIS F 23 2.18 -5.84 -8.64
CA HIS F 23 3.46 -5.14 -8.73
C HIS F 23 3.58 -4.26 -7.50
N PRO F 24 3.93 -4.81 -6.36
CA PRO F 24 4.06 -4.02 -5.13
C PRO F 24 5.34 -3.18 -5.06
N TYR F 25 5.65 -2.53 -6.18
CA TYR F 25 6.88 -1.75 -6.31
C TYR F 25 6.52 -0.34 -6.78
N PRO F 26 6.25 0.57 -5.84
CA PRO F 26 5.84 1.93 -6.27
C PRO F 26 6.94 2.62 -7.06
N SER F 27 6.53 3.29 -8.13
CA SER F 27 7.47 4.10 -8.90
C SER F 27 7.93 5.29 -8.07
N GLU F 28 8.94 5.99 -8.57
CA GLU F 28 9.47 7.14 -7.85
C GLU F 28 8.40 8.20 -7.63
N GLU F 29 7.54 8.41 -8.63
CA GLU F 29 6.45 9.37 -8.46
C GLU F 29 5.45 8.87 -7.43
N GLN F 30 5.15 7.57 -7.44
CA GLN F 30 4.26 7.02 -6.42
C GLN F 30 4.86 7.12 -5.03
N LYS F 31 6.18 6.95 -4.93
CA LYS F 31 6.85 7.17 -3.65
C LYS F 31 6.67 8.61 -3.17
N LYS F 32 6.79 9.58 -4.09
CA LYS F 32 6.61 10.97 -3.71
C LYS F 32 5.19 11.22 -3.20
N GLN F 33 4.20 10.60 -3.84
CA GLN F 33 2.82 10.81 -3.42
C GLN F 33 2.56 10.11 -2.08
N LEU F 34 3.11 8.91 -1.90
CA LEU F 34 2.97 8.22 -0.62
C LEU F 34 3.67 9.00 0.50
N ALA F 35 4.84 9.57 0.21
CA ALA F 35 5.54 10.37 1.20
C ALA F 35 4.71 11.59 1.61
N GLN F 36 4.05 12.22 0.63
CA GLN F 36 3.24 13.39 0.95
C GLN F 36 2.00 13.02 1.76
N ASP F 37 1.34 11.91 1.40
CA ASP F 37 0.14 11.50 2.13
C ASP F 37 0.50 10.99 3.53
N THR F 38 1.60 10.26 3.65
CA THR F 38 2.00 9.72 4.94
C THR F 38 2.78 10.69 5.79
N GLY F 39 3.30 11.77 5.21
CA GLY F 39 4.23 12.62 5.91
C GLY F 39 5.62 12.06 6.06
N LEU F 40 5.86 10.84 5.58
CA LEU F 40 7.16 10.21 5.69
C LEU F 40 8.06 10.65 4.54
N THR F 41 9.33 10.26 4.65
CA THR F 41 10.31 10.56 3.61
C THR F 41 10.30 9.45 2.55
N ILE F 42 10.94 9.73 1.42
CA ILE F 42 11.08 8.72 0.38
C ILE F 42 11.81 7.50 0.92
N LEU F 43 12.78 7.71 1.81
CA LEU F 43 13.54 6.59 2.36
C LEU F 43 12.70 5.77 3.32
N GLN F 44 11.93 6.42 4.19
CA GLN F 44 11.06 5.70 5.11
C GLN F 44 10.02 4.88 4.35
N VAL F 45 9.41 5.48 3.32
CA VAL F 45 8.41 4.76 2.54
C VAL F 45 9.03 3.54 1.87
N ASN F 46 10.20 3.72 1.27
CA ASN F 46 10.85 2.59 0.59
C ASN F 46 11.22 1.49 1.59
N ASN F 47 11.76 1.88 2.76
CA ASN F 47 12.12 0.87 3.75
C ASN F 47 10.90 0.13 4.27
N TRP F 48 9.74 0.80 4.31
CA TRP F 48 8.52 0.12 4.76
C TRP F 48 8.08 -0.91 3.73
N PHE F 49 8.10 -0.55 2.45
CA PHE F 49 7.70 -1.49 1.41
C PHE F 49 8.70 -2.62 1.26
N ILE F 50 9.98 -2.36 1.52
CA ILE F 50 10.98 -3.43 1.52
C ILE F 50 10.65 -4.46 2.58
N ASN F 51 10.37 -3.99 3.81
CA ASN F 51 10.04 -4.91 4.89
C ASN F 51 8.66 -5.51 4.72
N ALA F 52 7.74 -4.80 4.07
CA ALA F 52 6.41 -5.36 3.85
C ALA F 52 6.44 -6.49 2.84
N ARG F 53 7.19 -6.31 1.75
CA ARG F 53 7.34 -7.37 0.77
C ARG F 53 8.08 -8.57 1.34
N ARG F 54 9.05 -8.33 2.23
CA ARG F 54 9.80 -9.44 2.82
C ARG F 54 8.97 -10.21 3.83
N ARG F 55 8.04 -9.53 4.52
CA ARG F 55 7.18 -10.23 5.47
C ARG F 55 6.12 -11.06 4.77
N ILE F 56 5.63 -10.59 3.61
CA ILE F 56 4.56 -11.29 2.92
C ILE F 56 5.04 -12.63 2.38
N VAL F 57 6.29 -12.71 1.92
CA VAL F 57 6.79 -13.93 1.30
C VAL F 57 7.36 -14.91 2.31
N GLN F 58 7.49 -14.53 3.57
CA GLN F 58 8.05 -15.42 4.57
C GLN F 58 7.08 -16.56 4.84
N PRO F 59 7.53 -17.81 4.82
CA PRO F 59 6.61 -18.93 5.08
C PRO F 59 6.08 -18.90 6.51
N MET F 60 5.06 -19.72 6.74
CA MET F 60 4.40 -19.79 8.05
C MET F 60 5.11 -20.76 8.95
N PHE G 5 22.09 -19.14 -0.33
CA PHE G 5 21.55 -17.82 -0.01
C PHE G 5 20.60 -17.89 1.18
N PRO G 6 20.39 -16.77 1.87
CA PRO G 6 19.42 -16.76 2.97
C PRO G 6 18.04 -17.21 2.52
N LYS G 7 17.35 -17.93 3.42
CA LYS G 7 16.02 -18.46 3.09
C LYS G 7 15.08 -17.35 2.65
N VAL G 8 15.14 -16.20 3.30
CA VAL G 8 14.23 -15.10 2.96
C VAL G 8 14.53 -14.58 1.55
N ALA G 9 15.81 -14.46 1.21
CA ALA G 9 16.17 -14.00 -0.13
C ALA G 9 15.66 -14.99 -1.18
N THR G 10 15.79 -16.29 -0.91
CA THR G 10 15.28 -17.29 -1.83
C THR G 10 13.76 -17.25 -1.92
N ASN G 11 13.10 -16.86 -0.84
CA ASN G 11 11.64 -16.76 -0.87
C ASN G 11 11.18 -15.52 -1.62
N ILE G 12 11.94 -14.42 -1.55
CA ILE G 12 11.63 -13.24 -2.35
C ILE G 12 11.74 -13.58 -3.84
N MET G 13 12.85 -14.19 -4.24
CA MET G 13 13.08 -14.45 -5.66
C MET G 13 12.15 -15.54 -6.19
N ARG G 14 11.86 -16.55 -5.37
CA ARG G 14 10.89 -17.56 -5.79
C ARG G 14 9.49 -16.96 -5.92
N ALA G 15 9.12 -16.06 -5.00
CA ALA G 15 7.81 -15.43 -5.09
C ALA G 15 7.69 -14.64 -6.39
N TRP G 16 8.70 -13.84 -6.71
CA TRP G 16 8.67 -13.08 -7.97
C TRP G 16 8.60 -14.02 -9.17
N LEU G 17 9.41 -15.09 -9.14
CA LEU G 17 9.45 -16.02 -10.27
C LEU G 17 8.06 -16.57 -10.58
N PHE G 18 7.36 -17.09 -9.57
CA PHE G 18 6.04 -17.66 -9.83
C PHE G 18 5.01 -16.60 -10.17
N GLN G 19 5.15 -15.39 -9.64
CA GLN G 19 4.27 -14.30 -10.07
C GLN G 19 4.51 -13.92 -11.52
N HIS G 20 5.62 -14.35 -12.11
CA HIS G 20 5.99 -13.99 -13.48
C HIS G 20 6.41 -15.23 -14.26
N LEU G 21 5.73 -16.36 -14.03
CA LEU G 21 6.15 -17.60 -14.69
C LEU G 21 5.97 -17.51 -16.19
N THR G 22 4.97 -16.74 -16.66
CA THR G 22 4.83 -16.52 -18.10
C THR G 22 5.90 -15.59 -18.64
N HIS G 23 6.40 -14.67 -17.79
CA HIS G 23 7.40 -13.68 -18.17
C HIS G 23 8.53 -13.74 -17.16
N PRO G 24 9.27 -14.85 -17.14
CA PRO G 24 10.20 -15.11 -16.04
C PRO G 24 11.52 -14.36 -16.10
N TYR G 25 11.65 -13.35 -16.95
CA TYR G 25 12.90 -12.64 -17.12
C TYR G 25 12.81 -11.23 -16.56
N PRO G 26 13.37 -10.97 -15.38
CA PRO G 26 13.22 -9.62 -14.79
C PRO G 26 14.02 -8.57 -15.54
N SER G 27 13.49 -7.35 -15.54
CA SER G 27 14.18 -6.23 -16.15
C SER G 27 15.31 -5.75 -15.23
N GLU G 28 16.16 -4.88 -15.78
CA GLU G 28 17.29 -4.38 -14.99
C GLU G 28 16.82 -3.62 -13.77
N GLU G 29 15.71 -2.88 -13.89
CA GLU G 29 15.15 -2.22 -12.72
C GLU G 29 14.57 -3.24 -11.74
N GLN G 30 13.90 -4.28 -12.25
CA GLN G 30 13.39 -5.33 -11.38
C GLN G 30 14.53 -6.08 -10.71
N LYS G 31 15.63 -6.30 -11.43
CA LYS G 31 16.81 -6.91 -10.82
C LYS G 31 17.35 -6.03 -9.71
N LYS G 32 17.33 -4.71 -9.91
CA LYS G 32 17.85 -3.80 -8.89
C LYS G 32 16.98 -3.86 -7.63
N GLN G 33 15.67 -3.98 -7.79
CA GLN G 33 14.79 -3.99 -6.63
C GLN G 33 14.82 -5.34 -5.92
N LEU G 34 14.97 -6.44 -6.66
CA LEU G 34 15.14 -7.73 -6.02
C LEU G 34 16.44 -7.80 -5.22
N ALA G 35 17.52 -7.23 -5.77
CA ALA G 35 18.77 -7.16 -5.03
C ALA G 35 18.60 -6.37 -3.74
N GLN G 36 17.83 -5.29 -3.78
CA GLN G 36 17.60 -4.50 -2.57
C GLN G 36 16.76 -5.26 -1.55
N ASP G 37 15.73 -5.97 -2.00
CA ASP G 37 14.88 -6.70 -1.08
C ASP G 37 15.59 -7.91 -0.48
N THR G 38 16.48 -8.53 -1.24
CA THR G 38 17.18 -9.73 -0.77
C THR G 38 18.46 -9.42 -0.03
N GLY G 39 19.09 -8.28 -0.30
CA GLY G 39 20.41 -8.00 0.21
C GLY G 39 21.54 -8.58 -0.62
N LEU G 40 21.21 -9.27 -1.71
CA LEU G 40 22.20 -9.84 -2.62
C LEU G 40 22.59 -8.82 -3.68
N THR G 41 23.62 -9.15 -4.45
CA THR G 41 24.04 -8.29 -5.54
C THR G 41 23.21 -8.58 -6.79
N ILE G 42 23.37 -7.72 -7.80
CA ILE G 42 22.67 -7.92 -9.06
C ILE G 42 23.13 -9.22 -9.72
N LEU G 43 24.44 -9.47 -9.74
CA LEU G 43 24.97 -10.67 -10.36
C LEU G 43 24.43 -11.93 -9.69
N GLN G 44 24.29 -11.90 -8.36
CA GLN G 44 23.75 -13.05 -7.65
C GLN G 44 22.27 -13.25 -7.98
N VAL G 45 21.51 -12.16 -8.06
CA VAL G 45 20.10 -12.28 -8.43
C VAL G 45 19.97 -12.85 -9.84
N ASN G 46 20.80 -12.37 -10.77
CA ASN G 46 20.71 -12.85 -12.15
C ASN G 46 21.09 -14.32 -12.25
N ASN G 47 22.16 -14.71 -11.57
CA ASN G 47 22.58 -16.12 -11.61
C ASN G 47 21.53 -17.03 -11.00
N TRP G 48 20.80 -16.56 -9.99
CA TRP G 48 19.75 -17.39 -9.39
C TRP G 48 18.64 -17.67 -10.40
N PHE G 49 18.22 -16.64 -11.15
CA PHE G 49 17.15 -16.82 -12.11
C PHE G 49 17.58 -17.69 -13.29
N ILE G 50 18.85 -17.62 -13.69
CA ILE G 50 19.33 -18.49 -14.74
C ILE G 50 19.19 -19.95 -14.32
N ASN G 51 19.75 -20.29 -13.15
CA ASN G 51 19.65 -21.67 -12.67
C ASN G 51 18.20 -22.04 -12.39
N ALA G 52 17.40 -21.08 -11.90
CA ALA G 52 16.00 -21.38 -11.60
C ALA G 52 15.23 -21.72 -12.87
N ARG G 53 15.48 -20.99 -13.96
CA ARG G 53 14.78 -21.27 -15.21
C ARG G 53 15.33 -22.54 -15.87
N ARG G 54 16.63 -22.78 -15.74
CA ARG G 54 17.20 -24.01 -16.28
C ARG G 54 16.58 -25.24 -15.62
N ARG G 55 16.32 -25.16 -14.32
CA ARG G 55 15.80 -26.32 -13.60
C ARG G 55 14.31 -26.54 -13.83
N ILE G 56 13.55 -25.48 -14.07
CA ILE G 56 12.13 -25.63 -14.33
C ILE G 56 11.90 -26.45 -15.60
N VAL G 57 12.74 -26.23 -16.62
CA VAL G 57 12.56 -26.90 -17.90
C VAL G 57 13.36 -28.19 -18.01
N GLN G 58 14.15 -28.52 -17.00
CA GLN G 58 15.01 -29.70 -17.10
C GLN G 58 14.15 -30.96 -17.22
N PRO G 59 14.65 -31.97 -17.94
CA PRO G 59 13.86 -33.20 -18.09
C PRO G 59 13.73 -33.96 -16.77
N MET G 60 12.76 -34.86 -16.74
CA MET G 60 12.52 -35.70 -15.57
C MET G 60 13.53 -36.84 -15.51
N PHE H 5 7.77 -43.50 -20.73
CA PHE H 5 6.87 -43.14 -21.82
C PHE H 5 7.67 -42.80 -23.08
N PRO H 6 7.08 -43.07 -24.25
CA PRO H 6 7.74 -42.65 -25.50
C PRO H 6 8.01 -41.15 -25.51
N LYS H 7 9.03 -40.76 -26.28
CA LYS H 7 9.40 -39.34 -26.34
C LYS H 7 8.26 -38.50 -26.88
N VAL H 8 7.48 -39.03 -27.82
CA VAL H 8 6.38 -38.27 -28.38
C VAL H 8 5.33 -37.96 -27.32
N ALA H 9 5.00 -38.96 -26.49
CA ALA H 9 4.01 -38.74 -25.44
C ALA H 9 4.50 -37.70 -24.45
N THR H 10 5.79 -37.75 -24.08
CA THR H 10 6.33 -36.79 -23.14
C THR H 10 6.38 -35.39 -23.75
N ASN H 11 6.70 -35.30 -25.04
CA ASN H 11 6.76 -33.99 -25.68
C ASN H 11 5.38 -33.36 -25.83
N ILE H 12 4.36 -34.18 -26.08
CA ILE H 12 2.99 -33.66 -26.16
C ILE H 12 2.59 -33.06 -24.82
N MET H 13 2.88 -33.77 -23.73
CA MET H 13 2.45 -33.30 -22.42
C MET H 13 3.32 -32.15 -21.92
N ARG H 14 4.63 -32.20 -22.21
CA ARG H 14 5.49 -31.08 -21.85
C ARG H 14 5.10 -29.81 -22.60
N ALA H 15 4.80 -29.93 -23.90
CA ALA H 15 4.39 -28.75 -24.66
C ALA H 15 3.10 -28.15 -24.11
N TRP H 16 2.11 -29.01 -23.81
CA TRP H 16 0.87 -28.50 -23.24
C TRP H 16 1.12 -27.80 -21.90
N LEU H 17 1.98 -28.38 -21.06
CA LEU H 17 2.22 -27.81 -19.75
C LEU H 17 2.78 -26.40 -19.84
N PHE H 18 3.83 -26.22 -20.65
CA PHE H 18 4.45 -24.90 -20.76
C PHE H 18 3.56 -23.90 -21.49
N GLN H 19 2.61 -24.37 -22.31
CA GLN H 19 1.63 -23.46 -22.89
C GLN H 19 0.57 -23.02 -21.88
N HIS H 20 0.40 -23.77 -20.78
CA HIS H 20 -0.59 -23.48 -19.76
C HIS H 20 0.04 -23.42 -18.38
N LEU H 21 1.23 -22.82 -18.28
CA LEU H 21 1.93 -22.84 -17.00
C LEU H 21 1.17 -22.08 -15.92
N THR H 22 0.38 -21.08 -16.30
CA THR H 22 -0.46 -20.37 -15.33
C THR H 22 -1.78 -21.09 -15.06
N HIS H 23 -2.16 -22.06 -15.89
CA HIS H 23 -3.33 -22.91 -15.64
C HIS H 23 -2.94 -24.35 -15.95
N PRO H 24 -1.99 -24.92 -15.19
CA PRO H 24 -1.41 -26.21 -15.57
C PRO H 24 -2.26 -27.41 -15.19
N TYR H 25 -3.55 -27.19 -14.97
CA TYR H 25 -4.45 -28.26 -14.58
C TYR H 25 -5.41 -28.56 -15.72
N PRO H 26 -5.19 -29.61 -16.50
CA PRO H 26 -6.08 -29.88 -17.64
C PRO H 26 -7.46 -30.31 -17.17
N SER H 27 -8.48 -29.84 -17.90
CA SER H 27 -9.83 -30.29 -17.64
C SER H 27 -10.01 -31.74 -18.11
N GLU H 28 -11.16 -32.32 -17.76
CA GLU H 28 -11.41 -33.70 -18.13
C GLU H 28 -11.42 -33.88 -19.64
N GLU H 29 -11.94 -32.89 -20.37
CA GLU H 29 -11.89 -32.95 -21.83
C GLU H 29 -10.47 -32.78 -22.34
N GLN H 30 -9.66 -31.96 -21.67
CA GLN H 30 -8.26 -31.80 -22.08
C GLN H 30 -7.46 -33.07 -21.79
N LYS H 31 -7.70 -33.71 -20.65
CA LYS H 31 -7.07 -34.99 -20.38
C LYS H 31 -7.43 -36.01 -21.44
N LYS H 32 -8.71 -36.07 -21.82
CA LYS H 32 -9.13 -36.99 -22.88
C LYS H 32 -8.33 -36.78 -24.15
N GLN H 33 -8.20 -35.52 -24.58
CA GLN H 33 -7.50 -35.25 -25.84
C GLN H 33 -6.00 -35.51 -25.69
N LEU H 34 -5.43 -35.19 -24.52
CA LEU H 34 -4.02 -35.49 -24.29
C LEU H 34 -3.76 -36.98 -24.31
N ALA H 35 -4.70 -37.77 -23.78
CA ALA H 35 -4.57 -39.23 -23.83
C ALA H 35 -4.60 -39.73 -25.27
N GLN H 36 -5.46 -39.14 -26.09
CA GLN H 36 -5.57 -39.58 -27.48
C GLN H 36 -4.32 -39.20 -28.27
N ASP H 37 -3.72 -38.06 -27.96
CA ASP H 37 -2.52 -37.64 -28.68
C ASP H 37 -1.30 -38.45 -28.26
N THR H 38 -1.16 -38.70 -26.96
CA THR H 38 0.01 -39.42 -26.47
C THR H 38 -0.11 -40.92 -26.69
N GLY H 39 -1.33 -41.44 -26.72
CA GLY H 39 -1.55 -42.87 -26.71
C GLY H 39 -1.64 -43.49 -25.33
N LEU H 40 -1.57 -42.68 -24.28
CA LEU H 40 -1.63 -43.14 -22.91
C LEU H 40 -3.07 -43.11 -22.40
N THR H 41 -3.28 -43.67 -21.21
CA THR H 41 -4.58 -43.63 -20.58
C THR H 41 -4.78 -42.31 -19.84
N ILE H 42 -6.02 -42.07 -19.41
CA ILE H 42 -6.31 -40.87 -18.64
C ILE H 42 -5.49 -40.86 -17.35
N LEU H 43 -5.44 -42.00 -16.66
CA LEU H 43 -4.75 -42.06 -15.38
C LEU H 43 -3.26 -41.80 -15.57
N GLN H 44 -2.67 -42.34 -16.63
CA GLN H 44 -1.26 -42.09 -16.89
C GLN H 44 -1.01 -40.62 -17.15
N VAL H 45 -1.89 -39.99 -17.94
CA VAL H 45 -1.75 -38.54 -18.20
C VAL H 45 -1.88 -37.75 -16.91
N ASN H 46 -2.90 -38.07 -16.10
CA ASN H 46 -3.13 -37.32 -14.87
C ASN H 46 -1.97 -37.49 -13.90
N ASN H 47 -1.44 -38.72 -13.79
CA ASN H 47 -0.31 -38.95 -12.89
C ASN H 47 0.92 -38.20 -13.37
N TRP H 48 1.16 -38.16 -14.68
CA TRP H 48 2.31 -37.42 -15.21
C TRP H 48 2.24 -35.96 -14.82
N PHE H 49 1.06 -35.35 -14.92
CA PHE H 49 0.92 -33.94 -14.61
C PHE H 49 1.05 -33.68 -13.11
N ILE H 50 0.58 -34.61 -12.27
CA ILE H 50 0.73 -34.45 -10.82
C ILE H 50 2.22 -34.37 -10.47
N ASN H 51 3.01 -35.33 -10.95
CA ASN H 51 4.44 -35.31 -10.69
C ASN H 51 5.10 -34.08 -11.31
N ALA H 52 4.71 -33.74 -12.54
CA ALA H 52 5.29 -32.58 -13.21
C ALA H 52 5.10 -31.32 -12.37
N ARG H 53 3.86 -31.00 -12.02
CA ARG H 53 3.60 -29.81 -11.22
C ARG H 53 4.32 -29.86 -9.89
N ARG H 54 4.48 -31.05 -9.31
CA ARG H 54 5.19 -31.17 -8.04
C ARG H 54 6.70 -30.95 -8.21
N ARG H 55 7.24 -31.30 -9.38
CA ARG H 55 8.66 -31.12 -9.62
C ARG H 55 9.01 -29.67 -9.93
N ILE H 56 8.15 -29.00 -10.70
CA ILE H 56 8.44 -27.63 -11.13
C ILE H 56 8.60 -26.71 -9.92
N VAL H 57 7.67 -26.81 -8.96
CA VAL H 57 7.65 -25.88 -7.85
C VAL H 57 8.69 -26.21 -6.79
N GLN H 58 9.37 -27.33 -6.90
CA GLN H 58 10.24 -27.78 -5.81
C GLN H 58 11.56 -27.01 -5.87
N PRO H 59 12.04 -26.48 -4.75
CA PRO H 59 13.31 -25.75 -4.77
C PRO H 59 14.48 -26.68 -5.07
N MET H 60 15.61 -26.08 -5.43
CA MET H 60 16.83 -26.82 -5.67
C MET H 60 18.02 -26.12 -5.00
O1 RIO I . -13.17 33.92 23.82
C1 RIO I . -11.97 33.75 23.12
C2 RIO I . -11.25 35.09 23.01
O2 RIO I . -10.28 35.21 23.90
C3 RIO I . -8.87 35.04 23.18
O3 RIO I . -8.15 33.97 23.73
C4 RIO I . -7.00 34.48 24.40
C5 RIO I . -5.82 34.52 23.42
O4 RIO I . -6.05 35.52 22.46
C6 RIO I . -4.47 34.82 24.10
N1 RIO I . -3.40 34.69 23.11
C7 RIO I . -4.19 33.89 25.27
C8 RIO I . -5.33 33.90 26.28
N2 RIO I . -5.09 32.90 27.30
C9 RIO I . -6.70 33.61 25.64
O5 RIO I . -7.71 33.86 26.61
C10 RIO I . -8.72 32.91 26.55
O6 RIO I . -8.31 31.70 27.28
C11 RIO I . -8.21 31.93 28.74
C12 RIO I . -8.04 30.61 29.43
N3 RIO I . -6.67 30.12 29.19
C13 RIO I . -9.46 32.61 29.31
O7 RIO I . -9.19 32.98 30.68
C14 RIO I . -9.85 33.83 28.57
O8 RIO I . -11.12 34.35 29.09
C15 RIO I . -10.01 33.55 27.12
N4 RIO I . -10.29 34.82 26.39
C16 RIO I . -9.11 34.85 21.88
O9 RIO I . -8.28 35.82 21.13
C17 RIO I . -10.56 35.18 21.59
O10 RIO I . -10.72 36.42 21.09
HO1 RIO I . -13.81 33.27 23.53
H1 RIO I . -12.18 33.36 22.12
H1A RIO I . -11.34 33.04 23.65
H2 RIO I . -11.93 35.92 23.16
H3 RIO I . -8.29 35.94 23.30
H4 RIO I . -7.20 35.48 24.74
H5 RIO I . -5.76 33.54 22.95
HO4 RIO I . -5.45 35.42 21.75
H6 RIO I . -4.47 35.85 24.46
HN1 RIO I . -2.79 33.94 23.37
HN1A RIO I . -2.87 35.55 23.06
H7 RIO I . -3.28 34.20 25.76
H7A RIO I . -4.07 32.88 24.90
H8 RIO I . -5.36 34.89 26.74
HN2 RIO I . -5.00 33.35 28.20
HN2A RIO I . -4.24 32.41 27.08
H9 RIO I . -6.72 32.58 25.31
H10 RIO I . -8.89 32.62 25.52
H11 RIO I . -7.35 32.55 28.92
H12 RIO I . -8.77 29.90 29.05
H12A RIO I . -8.19 30.75 30.51
HN3 RIO I . -6.62 29.69 28.28
HN3A RIO I . -6.44 29.44 29.90
H13 RIO I . -10.29 31.92 29.28
HO7 RIO I . -9.90 32.69 31.23
H14 RIO I . -9.09 34.57 28.71
HO8 RIO I . -10.96 35.13 29.58
H15 RIO I . -10.85 32.88 26.97
HN4 RIO I . -11.24 35.10 26.58
HN4A RIO I . -9.66 35.52 26.70
H16 RIO I . -8.94 33.81 21.64
HO9 RIO I . -8.81 36.59 20.95
H17 RIO I . -10.97 34.47 20.89
HO10 RIO I . -11.33 36.39 20.36
S SO4 J . -16.56 -22.34 -7.42
O1 SO4 J . -16.68 -21.28 -8.41
O2 SO4 J . -15.71 -21.88 -6.31
O3 SO4 J . -17.88 -22.68 -6.88
O4 SO4 J . -15.96 -23.53 -8.03
#